data_7Y3K
#
_entry.id   7Y3K
#
_cell.length_a   43.364
_cell.length_b   49.868
_cell.length_c   105.406
_cell.angle_alpha   90.000
_cell.angle_beta   90.000
_cell.angle_gamma   90.000
#
_symmetry.space_group_name_H-M   'P 21 21 21'
#
loop_
_entity.id
_entity.type
_entity.pdbx_description
1 polymer 'Sal-like protein 4'
2 polymer 'DNA (16-mer)'
3 polymer 'DNA (16-mer)'
4 non-polymer 'ZINC ION'
5 water water
#
loop_
_entity_poly.entity_id
_entity_poly.type
_entity_poly.pdbx_seq_one_letter_code
_entity_poly.pdbx_strand_id
1 'polypeptide(L)' GHMMTPLLAAQPRRQAKQHGCTRCGKNFSSASALQIHERTHTGEKPFVCNICGRAFTTKGNLKVHYMTHGANNNSARRG A,B
2 'polydeoxyribonucleotide' (DG)(DG)(DA)(DA)(DA)(DT)(DA)(DT)(DT)(DA)(DT)(DA)(DT)(DT)(DC)(DC) G
3 'polydeoxyribonucleotide' (DG)(DG)(DA)(DA)(DT)(DA)(DT)(DA)(DA)(DT)(DA)(DT)(DT)(DT)(DC)(DC) H
#
# COMPACT_ATOMS: atom_id res chain seq x y z
N LYS A 17 -12.56 -17.06 -17.68
CA LYS A 17 -13.08 -15.70 -17.63
C LYS A 17 -12.44 -14.89 -16.51
N GLN A 18 -12.47 -15.42 -15.29
CA GLN A 18 -11.98 -14.70 -14.12
C GLN A 18 -11.11 -15.60 -13.25
N HIS A 19 -10.50 -14.97 -12.24
CA HIS A 19 -9.72 -15.67 -11.20
C HIS A 19 -10.10 -15.04 -9.86
N GLY A 20 -11.16 -15.55 -9.26
CA GLY A 20 -11.67 -15.04 -8.00
C GLY A 20 -11.28 -15.92 -6.83
N CYS A 21 -11.09 -15.27 -5.68
CA CYS A 21 -10.64 -15.97 -4.47
C CYS A 21 -11.78 -16.77 -3.87
N THR A 22 -11.53 -18.06 -3.66
CA THR A 22 -12.41 -18.96 -2.92
C THR A 22 -12.92 -18.35 -1.62
N ARG A 23 -12.12 -17.48 -0.99
CA ARG A 23 -12.36 -17.07 0.40
C ARG A 23 -12.91 -15.67 0.57
N CYS A 24 -12.50 -14.69 -0.21
CA CYS A 24 -13.05 -13.36 -0.01
C CYS A 24 -13.84 -12.84 -1.19
N GLY A 25 -13.89 -13.57 -2.30
CA GLY A 25 -14.67 -13.15 -3.45
C GLY A 25 -14.03 -12.07 -4.31
N LYS A 26 -12.89 -11.52 -3.91
CA LYS A 26 -12.16 -10.62 -4.79
C LYS A 26 -11.72 -11.35 -6.05
N ASN A 27 -11.68 -10.62 -7.17
CA ASN A 27 -11.33 -11.17 -8.48
C ASN A 27 -10.11 -10.45 -9.04
N PHE A 28 -9.31 -11.15 -9.83
CA PHE A 28 -8.02 -10.63 -10.26
C PHE A 28 -7.75 -10.88 -11.75
N SER A 29 -6.73 -10.20 -12.26
CA SER A 29 -6.48 -10.16 -13.70
C SER A 29 -6.01 -11.50 -14.24
N SER A 30 -5.29 -12.27 -13.43
CA SER A 30 -4.54 -13.39 -13.94
C SER A 30 -4.43 -14.47 -12.87
N ALA A 31 -4.07 -15.67 -13.32
CA ALA A 31 -3.73 -16.75 -12.40
C ALA A 31 -2.67 -16.30 -11.41
N SER A 32 -1.61 -15.67 -11.91
CA SER A 32 -0.50 -15.28 -11.04
C SER A 32 -0.90 -14.17 -10.08
N ALA A 33 -1.83 -13.31 -10.49
CA ALA A 33 -2.27 -12.25 -9.59
C ALA A 33 -3.11 -12.83 -8.45
N LEU A 34 -3.90 -13.87 -8.73
CA LEU A 34 -4.71 -14.48 -7.69
C LEU A 34 -3.84 -15.25 -6.70
N GLN A 35 -2.82 -15.95 -7.20
CA GLN A 35 -1.90 -16.68 -6.33
C GLN A 35 -1.28 -15.74 -5.30
N ILE A 36 -0.91 -14.54 -5.73
CA ILE A 36 -0.31 -13.55 -4.84
C ILE A 36 -1.31 -13.08 -3.79
N HIS A 37 -2.56 -12.85 -4.20
CA HIS A 37 -3.58 -12.45 -3.23
C HIS A 37 -3.84 -13.54 -2.20
N GLU A 38 -3.97 -14.80 -2.65
CA GLU A 38 -4.25 -15.90 -1.74
C GLU A 38 -3.21 -16.02 -0.64
N ARG A 39 -2.01 -15.47 -0.85
CA ARG A 39 -1.02 -15.47 0.21
C ARG A 39 -1.45 -14.63 1.41
N THR A 40 -2.36 -13.65 1.22
CA THR A 40 -2.91 -12.94 2.36
C THR A 40 -3.84 -13.83 3.19
N HIS A 41 -4.28 -14.97 2.66
CA HIS A 41 -5.07 -15.89 3.47
C HIS A 41 -4.18 -16.94 4.10
N THR A 42 -3.27 -17.54 3.32
CA THR A 42 -2.43 -18.61 3.84
C THR A 42 -1.29 -18.09 4.71
N GLY A 43 -1.00 -16.80 4.67
CA GLY A 43 0.21 -16.31 5.28
C GLY A 43 1.48 -16.81 4.65
N GLU A 44 1.43 -17.28 3.40
CA GLU A 44 2.64 -17.74 2.74
C GLU A 44 3.51 -16.53 2.36
N LYS A 45 4.77 -16.55 2.79
CA LYS A 45 5.71 -15.47 2.54
C LYS A 45 7.00 -16.07 2.02
N PRO A 46 7.12 -16.26 0.69
CA PRO A 46 8.28 -16.99 0.16
C PRO A 46 9.54 -16.14 -0.01
N PHE A 47 9.47 -14.83 0.18
CA PHE A 47 10.59 -13.95 -0.14
C PHE A 47 11.21 -13.42 1.16
N VAL A 48 12.45 -13.82 1.42
CA VAL A 48 13.10 -13.66 2.72
C VAL A 48 14.32 -12.77 2.57
N CYS A 49 14.35 -11.70 3.35
CA CYS A 49 15.50 -10.80 3.39
C CYS A 49 16.72 -11.49 4.01
N ASN A 50 17.84 -11.49 3.29
CA ASN A 50 19.04 -12.18 3.78
C ASN A 50 19.65 -11.47 4.99
N ILE A 51 19.34 -10.20 5.20
CA ILE A 51 19.94 -9.43 6.28
C ILE A 51 19.20 -9.68 7.59
N CYS A 52 17.94 -9.26 7.65
CA CYS A 52 17.17 -9.30 8.89
C CYS A 52 16.23 -10.48 8.98
N GLY A 53 16.09 -11.28 7.93
CA GLY A 53 15.27 -12.45 7.99
C GLY A 53 13.78 -12.21 7.86
N ARG A 54 13.35 -10.97 7.63
CA ARG A 54 11.92 -10.74 7.46
C ARG A 54 11.44 -11.32 6.15
N ALA A 55 10.15 -11.68 6.12
CA ALA A 55 9.56 -12.36 4.98
C ALA A 55 8.47 -11.50 4.36
N PHE A 56 8.25 -11.69 3.05
CA PHE A 56 7.29 -10.90 2.29
C PHE A 56 6.49 -11.81 1.38
N THR A 57 5.28 -11.37 1.05
CA THR A 57 4.45 -12.19 0.16
C THR A 57 4.86 -12.04 -1.30
N THR A 58 5.44 -10.91 -1.67
CA THR A 58 5.84 -10.66 -3.06
C THR A 58 7.32 -10.35 -3.15
N LYS A 59 7.91 -10.76 -4.26
CA LYS A 59 9.29 -10.39 -4.59
C LYS A 59 9.44 -8.87 -4.67
N GLY A 60 8.44 -8.17 -5.22
CA GLY A 60 8.54 -6.74 -5.34
C GLY A 60 8.63 -6.03 -4.01
N ASN A 61 7.90 -6.51 -3.01
CA ASN A 61 7.89 -5.85 -1.71
C ASN A 61 9.18 -6.11 -0.95
N LEU A 62 9.78 -7.29 -1.16
CA LEU A 62 11.05 -7.56 -0.52
C LEU A 62 12.15 -6.65 -1.07
N LYS A 63 12.09 -6.33 -2.37
CA LYS A 63 13.17 -5.54 -2.96
C LYS A 63 13.10 -4.09 -2.53
N VAL A 64 11.89 -3.53 -2.48
CA VAL A 64 11.71 -2.26 -1.80
C VAL A 64 12.30 -2.32 -0.39
N HIS A 65 12.00 -3.41 0.33
CA HIS A 65 12.49 -3.53 1.69
C HIS A 65 14.02 -3.59 1.74
N TYR A 66 14.64 -4.17 0.72
CA TYR A 66 16.09 -4.31 0.74
C TYR A 66 16.77 -2.96 0.80
N MET A 67 16.17 -1.95 0.18
CA MET A 67 16.79 -0.63 0.11
C MET A 67 16.68 0.12 1.42
N THR A 68 15.87 -0.36 2.36
CA THR A 68 15.80 0.21 3.69
C THR A 68 17.01 -0.13 4.55
N HIS A 69 17.85 -1.08 4.14
CA HIS A 69 19.01 -1.48 4.92
C HIS A 69 20.26 -0.64 4.61
N GLY A 70 20.12 0.41 3.80
CA GLY A 70 21.21 1.32 3.53
C GLY A 70 20.71 2.65 3.01
N LYS D 17 -5.60 9.35 21.75
CA LYS D 17 -6.72 8.49 22.14
C LYS D 17 -7.48 8.00 20.90
N GLN D 18 -8.81 8.11 20.94
CA GLN D 18 -9.66 7.71 19.83
C GLN D 18 -9.75 8.88 18.86
N HIS D 19 -9.06 8.77 17.71
CA HIS D 19 -9.12 9.77 16.65
C HIS D 19 -10.09 9.26 15.58
N GLY D 20 -11.38 9.36 15.88
CA GLY D 20 -12.40 8.75 15.04
C GLY D 20 -12.68 9.51 13.77
N CYS D 21 -12.55 8.84 12.63
CA CYS D 21 -13.02 9.39 11.37
C CYS D 21 -14.53 9.20 11.33
N THR D 22 -15.26 10.28 11.65
CA THR D 22 -16.70 10.20 11.83
C THR D 22 -17.45 10.11 10.50
N ARG D 23 -16.95 9.29 9.57
CA ARG D 23 -17.61 8.93 8.31
C ARG D 23 -17.37 7.48 7.89
N CYS D 24 -16.27 6.86 8.31
CA CYS D 24 -16.03 5.44 8.13
C CYS D 24 -15.95 4.69 9.45
N GLY D 25 -15.92 5.38 10.59
CA GLY D 25 -15.83 4.77 11.88
C GLY D 25 -14.43 4.43 12.34
N LYS D 26 -13.46 4.40 11.44
CA LYS D 26 -12.12 3.93 11.77
C LYS D 26 -11.44 4.86 12.78
N ASN D 27 -10.46 4.29 13.49
CA ASN D 27 -9.66 4.99 14.48
C ASN D 27 -8.27 5.23 13.93
N PHE D 28 -7.56 6.19 14.53
CA PHE D 28 -6.23 6.56 14.06
C PHE D 28 -5.37 6.99 15.24
N SER D 29 -4.07 7.09 14.99
CA SER D 29 -3.08 7.29 16.04
C SER D 29 -2.89 8.75 16.40
N SER D 30 -2.69 9.62 15.41
CA SER D 30 -2.41 11.03 15.62
C SER D 30 -3.61 11.88 15.18
N ALA D 31 -3.44 13.19 15.32
CA ALA D 31 -4.38 14.13 14.70
C ALA D 31 -4.02 14.36 13.24
N SER D 32 -2.76 14.16 12.89
CA SER D 32 -2.33 14.27 11.50
C SER D 32 -2.69 13.02 10.71
N ALA D 33 -2.60 11.85 11.34
CA ALA D 33 -2.97 10.60 10.68
C ALA D 33 -4.43 10.61 10.25
N LEU D 34 -5.34 10.93 11.18
CA LEU D 34 -6.74 11.06 10.83
C LEU D 34 -6.95 12.10 9.73
N GLN D 35 -6.17 13.19 9.79
CA GLN D 35 -6.29 14.24 8.77
C GLN D 35 -5.86 13.73 7.40
N ILE D 36 -4.75 12.99 7.33
CA ILE D 36 -4.33 12.37 6.10
C ILE D 36 -5.38 11.40 5.58
N HIS D 37 -6.11 10.75 6.49
CA HIS D 37 -7.19 9.87 6.08
C HIS D 37 -8.37 10.65 5.51
N GLU D 38 -8.61 11.86 6.02
CA GLU D 38 -9.77 12.64 5.55
CA GLU D 38 -9.77 12.63 5.55
C GLU D 38 -9.73 12.88 4.05
N ARG D 39 -8.54 12.99 3.48
CA ARG D 39 -8.41 13.24 2.05
C ARG D 39 -8.72 12.01 1.20
N THR D 40 -9.04 10.88 1.83
CA THR D 40 -9.67 9.77 1.10
C THR D 40 -11.08 10.13 0.69
N HIS D 41 -11.89 10.65 1.63
CA HIS D 41 -13.28 10.96 1.33
C HIS D 41 -13.39 12.26 0.53
N THR D 42 -12.61 13.28 0.91
CA THR D 42 -12.61 14.52 0.17
C THR D 42 -11.88 14.36 -1.17
N GLY D 43 -10.68 13.79 -1.13
CA GLY D 43 -9.91 13.56 -2.34
C GLY D 43 -9.02 14.73 -2.69
N GLU D 44 -8.35 15.28 -1.68
CA GLU D 44 -7.58 16.52 -1.87
C GLU D 44 -6.39 16.31 -2.78
N LYS D 45 -5.53 15.34 -2.47
CA LYS D 45 -4.28 15.09 -3.21
C LYS D 45 -3.45 16.36 -3.29
N PRO D 46 -2.87 16.83 -2.18
CA PRO D 46 -2.28 18.18 -2.15
C PRO D 46 -0.80 18.26 -2.50
N PHE D 47 -0.21 17.21 -3.06
CA PHE D 47 1.22 17.22 -3.40
C PHE D 47 1.37 16.77 -4.84
N VAL D 48 1.96 17.63 -5.67
CA VAL D 48 2.02 17.43 -7.11
C VAL D 48 3.47 17.27 -7.53
N CYS D 49 3.72 16.30 -8.41
CA CYS D 49 5.06 16.09 -8.92
C CYS D 49 5.48 17.25 -9.82
N ASN D 50 6.77 17.60 -9.74
CA ASN D 50 7.34 18.69 -10.53
C ASN D 50 7.62 18.27 -11.97
N ILE D 51 7.52 16.99 -12.29
CA ILE D 51 7.91 16.47 -13.59
C ILE D 51 6.70 15.99 -14.40
N CYS D 52 5.70 15.35 -13.75
CA CYS D 52 4.57 14.80 -14.50
C CYS D 52 3.20 15.28 -14.03
N GLY D 53 3.12 16.22 -13.09
CA GLY D 53 1.83 16.80 -12.77
C GLY D 53 0.89 15.86 -12.07
N ARG D 54 1.37 14.70 -11.64
CA ARG D 54 0.59 13.75 -10.87
C ARG D 54 0.28 14.33 -9.49
N ALA D 55 -0.98 14.23 -9.06
CA ALA D 55 -1.34 14.63 -7.71
C ALA D 55 -1.31 13.42 -6.79
N PHE D 56 -0.82 13.64 -5.57
CA PHE D 56 -0.71 12.58 -4.57
C PHE D 56 -1.30 13.05 -3.25
N THR D 57 -1.75 12.07 -2.45
CA THR D 57 -2.40 12.40 -1.19
C THR D 57 -1.40 12.78 -0.10
N THR D 58 -0.24 12.11 -0.04
CA THR D 58 0.74 12.37 1.01
C THR D 58 2.08 12.75 0.39
N LYS D 59 2.89 13.44 1.20
CA LYS D 59 4.25 13.78 0.80
C LYS D 59 5.10 12.53 0.59
N GLY D 60 4.85 11.48 1.37
CA GLY D 60 5.66 10.28 1.25
C GLY D 60 5.37 9.49 -0.01
N ASN D 61 4.10 9.46 -0.43
CA ASN D 61 3.77 8.74 -1.65
C ASN D 61 4.28 9.48 -2.88
N LEU D 62 4.25 10.81 -2.85
CA LEU D 62 4.81 11.59 -3.95
C LEU D 62 6.32 11.36 -4.06
N LYS D 63 7.01 11.21 -2.92
CA LYS D 63 8.44 10.92 -2.93
C LYS D 63 8.74 9.64 -3.68
N VAL D 64 8.16 8.52 -3.23
CA VAL D 64 8.45 7.25 -3.89
C VAL D 64 8.01 7.28 -5.34
N HIS D 65 7.04 8.13 -5.69
CA HIS D 65 6.72 8.33 -7.09
C HIS D 65 7.91 8.91 -7.86
N TYR D 66 8.68 9.80 -7.22
CA TYR D 66 9.82 10.42 -7.90
C TYR D 66 10.85 9.43 -8.40
N MET D 67 10.71 8.15 -8.08
CA MET D 67 11.65 7.16 -8.58
C MET D 67 11.29 6.65 -9.97
N THR D 68 10.11 6.96 -10.50
CA THR D 68 9.91 6.73 -11.93
C THR D 68 10.72 7.72 -12.77
N HIS D 69 11.17 8.80 -12.16
CA HIS D 69 11.86 9.89 -12.86
C HIS D 69 13.37 9.83 -12.66
N GLY D 70 13.97 8.67 -12.88
CA GLY D 70 15.42 8.55 -12.79
C GLY D 70 16.13 8.76 -14.12
#